data_7VOC
#
_entry.id   7VOC
#
_cell.length_a   163.920
_cell.length_b   163.920
_cell.length_c   158.810
_cell.angle_alpha   90.000
_cell.angle_beta   90.000
_cell.angle_gamma   90.000
#
_symmetry.space_group_name_H-M   'I 41 2 2'
#
loop_
_entity.id
_entity.type
_entity.pdbx_description
1 polymer 'Cytosylglucuronate decarboxylase'
2 non-polymer 'IRON/SULFUR CLUSTER'
3 non-polymer S-ADENOSYLMETHIONINE
4 non-polymer '(2~{S},3~{S},4~{S},5~{R},6~{R})-6-(4-azanyl-2-oxidanylidene-pyrimidin-1-yl)-3,4,5-tris(oxidanyl)oxane-2-carboxylic acid'
5 non-polymer GLYCEROL
6 water water
#
_entity_poly.entity_id   1
_entity_poly.type   'polypeptide(L)'
_entity_poly.pdbx_seq_one_letter_code
;MGSSHHHHHHSSGLVPRGSHMTERTASRPSGPGRRGSTRERYLFIRLLEACNADCFMCDFALSRDTFRFSLEDFDELLPR
AVEAGVGYIRFTGGEPLMHTDVAELVRRGTDAGMKMSIITNGMMLPRQIERLADAGLAQIIVSLDGGSAATHDVYRRSPG
MFDNGLRGLRAAARLGVLPRVNSVVGPHNYTEMPQLQRVLTEAGVRQWELSALKLERAISYPDPDHVRALCDPVYDADPE
HMLVPLGKRFYGDTPEEQELYFSDSVTPRASAPLCHVVDDVIYLDGKYGRAYACSCLPHREGDDEPGGAPLREDGVIRLD
TPAFRTHADFFRTEGPRVCNGCSTTAAGYSDDIARLGGVRPWQY
;
_entity_poly.pdbx_strand_id   C
#
# COMPACT_ATOMS: atom_id res chain seq x y z
N THR A 38 -0.33 -23.51 -0.11
CA THR A 38 0.27 -22.19 -0.05
C THR A 38 -0.43 -21.23 -1.01
N ARG A 39 -0.67 -20.01 -0.54
CA ARG A 39 -1.50 -19.05 -1.27
C ARG A 39 -0.66 -18.20 -2.21
N GLU A 40 -1.37 -17.45 -3.06
CA GLU A 40 -0.75 -16.59 -4.05
C GLU A 40 -0.19 -15.35 -3.36
N ARG A 41 1.13 -15.18 -3.42
CA ARG A 41 1.79 -14.16 -2.60
C ARG A 41 1.95 -12.85 -3.36
N TYR A 42 2.10 -11.78 -2.59
CA TYR A 42 2.34 -10.44 -3.10
C TYR A 42 3.81 -10.09 -2.91
N LEU A 43 4.43 -9.54 -3.96
CA LEU A 43 5.81 -9.07 -3.91
C LEU A 43 5.83 -7.58 -4.17
N PHE A 44 6.20 -6.80 -3.16
CA PHE A 44 6.43 -5.37 -3.31
C PHE A 44 7.89 -5.12 -3.64
N ILE A 45 8.14 -4.20 -4.56
CA ILE A 45 9.49 -3.74 -4.86
C ILE A 45 9.52 -2.23 -4.78
N ARG A 46 10.28 -1.69 -3.83
CA ARG A 46 10.52 -0.26 -3.73
C ARG A 46 11.54 0.10 -4.81
N LEU A 47 11.03 0.44 -5.99
CA LEU A 47 11.88 0.65 -7.16
C LEU A 47 12.89 1.76 -6.93
N LEU A 48 12.48 2.82 -6.24
CA LEU A 48 13.29 4.01 -6.08
C LEU A 48 12.75 4.77 -4.88
N GLU A 49 13.51 5.76 -4.43
CA GLU A 49 13.07 6.65 -3.38
C GLU A 49 12.77 8.06 -3.87
N ALA A 50 13.21 8.42 -5.07
CA ALA A 50 12.98 9.76 -5.59
C ALA A 50 11.50 9.98 -5.87
N CYS A 51 11.06 11.23 -5.73
CA CYS A 51 9.66 11.54 -5.91
C CYS A 51 9.50 12.98 -6.37
N ASN A 52 8.39 13.25 -7.05
CA ASN A 52 8.07 14.58 -7.56
C ASN A 52 7.08 15.34 -6.68
N ALA A 53 6.72 14.79 -5.52
CA ALA A 53 5.76 15.42 -4.62
C ALA A 53 6.45 15.85 -3.32
N ASP A 54 5.68 16.55 -2.48
CA ASP A 54 6.19 17.10 -1.23
C ASP A 54 5.14 16.86 -0.13
N CYS A 55 5.03 15.61 0.30
CA CYS A 55 4.03 15.22 1.29
C CYS A 55 4.58 15.42 2.70
N PHE A 56 3.75 16.01 3.56
CA PHE A 56 4.19 16.32 4.92
C PHE A 56 4.51 15.08 5.73
N MET A 57 4.00 13.92 5.33
CA MET A 57 4.00 12.73 6.17
C MET A 57 4.94 11.63 5.70
N CYS A 58 5.75 11.89 4.66
CA CYS A 58 6.59 10.84 4.09
C CYS A 58 8.05 11.29 4.01
N ASP A 59 8.96 10.35 4.26
CA ASP A 59 10.39 10.65 4.25
C ASP A 59 10.92 10.93 2.85
N PHE A 60 10.23 10.48 1.81
CA PHE A 60 10.67 10.65 0.43
C PHE A 60 10.19 11.96 -0.18
N ALA A 61 9.54 12.82 0.60
CA ALA A 61 9.14 14.12 0.08
C ALA A 61 10.36 14.88 -0.42
N LEU A 62 10.28 15.34 -1.66
CA LEU A 62 11.36 16.08 -2.33
C LEU A 62 12.62 15.26 -2.50
N SER A 63 12.51 13.93 -2.49
CA SER A 63 13.69 13.09 -2.63
C SER A 63 14.19 13.11 -4.07
N ARG A 64 15.49 13.30 -4.24
CA ARG A 64 16.14 13.20 -5.54
C ARG A 64 17.15 12.06 -5.55
N ASP A 65 16.90 11.02 -4.76
CA ASP A 65 17.82 9.89 -4.64
C ASP A 65 18.04 9.25 -6.01
N THR A 66 19.26 8.77 -6.22
CA THR A 66 19.66 8.29 -7.54
C THR A 66 19.53 6.79 -7.71
N PHE A 67 19.26 6.04 -6.64
CA PHE A 67 19.08 4.60 -6.80
C PHE A 67 17.91 4.31 -7.74
N ARG A 68 18.12 3.33 -8.62
CA ARG A 68 17.09 2.87 -9.56
C ARG A 68 17.21 1.36 -9.65
N PHE A 69 16.19 0.65 -9.17
CA PHE A 69 16.15 -0.80 -9.34
C PHE A 69 16.22 -1.15 -10.82
N SER A 70 17.11 -2.06 -11.17
CA SER A 70 17.49 -2.29 -12.56
C SER A 70 16.71 -3.43 -13.19
N LEU A 71 16.56 -3.36 -14.52
CA LEU A 71 15.99 -4.48 -15.27
C LEU A 71 16.82 -5.74 -15.08
N GLU A 72 18.14 -5.60 -14.90
CA GLU A 72 18.98 -6.77 -14.67
C GLU A 72 18.66 -7.41 -13.32
N ASP A 73 18.40 -6.59 -12.30
CA ASP A 73 17.98 -7.14 -11.01
C ASP A 73 16.63 -7.84 -11.13
N PHE A 74 15.69 -7.24 -11.85
CA PHE A 74 14.36 -7.82 -11.99
C PHE A 74 14.39 -9.14 -12.75
N ASP A 75 15.34 -9.30 -13.68
CA ASP A 75 15.45 -10.56 -14.40
C ASP A 75 15.96 -11.68 -13.49
N GLU A 76 16.90 -11.36 -12.60
CA GLU A 76 17.35 -12.35 -11.64
C GLU A 76 16.27 -12.68 -10.61
N LEU A 77 15.45 -11.69 -10.25
CA LEU A 77 14.45 -11.87 -9.20
C LEU A 77 13.24 -12.65 -9.68
N LEU A 78 12.82 -12.44 -10.94
CA LEU A 78 11.60 -13.05 -11.45
C LEU A 78 11.50 -14.55 -11.22
N PRO A 79 12.48 -15.38 -11.61
CA PRO A 79 12.34 -16.82 -11.35
C PRO A 79 12.29 -17.15 -9.87
N ARG A 80 12.97 -16.37 -9.03
CA ARG A 80 12.93 -16.62 -7.60
C ARG A 80 11.55 -16.33 -7.03
N ALA A 81 10.89 -15.27 -7.51
CA ALA A 81 9.52 -14.99 -7.08
C ALA A 81 8.56 -16.02 -7.66
N VAL A 82 8.81 -16.48 -8.89
CA VAL A 82 7.95 -17.48 -9.51
C VAL A 82 7.95 -18.76 -8.69
N GLU A 83 9.12 -19.21 -8.25
CA GLU A 83 9.18 -20.41 -7.42
C GLU A 83 8.83 -20.15 -5.97
N ALA A 84 8.79 -18.88 -5.55
CA ALA A 84 8.36 -18.54 -4.20
C ALA A 84 6.84 -18.49 -4.06
N GLY A 85 6.10 -18.78 -5.13
CA GLY A 85 4.66 -18.71 -5.09
C GLY A 85 4.09 -17.32 -5.27
N VAL A 86 4.88 -16.36 -5.74
CA VAL A 86 4.39 -15.01 -5.96
C VAL A 86 3.47 -14.99 -7.18
N GLY A 87 2.36 -14.27 -7.07
CA GLY A 87 1.47 -14.09 -8.20
C GLY A 87 1.23 -12.63 -8.50
N TYR A 88 1.50 -11.76 -7.52
CA TYR A 88 1.37 -10.32 -7.68
C TYR A 88 2.71 -9.66 -7.43
N ILE A 89 3.10 -8.76 -8.32
CA ILE A 89 4.24 -7.88 -8.11
C ILE A 89 3.75 -6.45 -8.16
N ARG A 90 3.97 -5.72 -7.07
CA ARG A 90 3.47 -4.34 -6.93
C ARG A 90 4.66 -3.40 -6.79
N PHE A 91 4.73 -2.42 -7.70
CA PHE A 91 5.81 -1.44 -7.69
C PHE A 91 5.42 -0.26 -6.82
N THR A 92 6.35 0.17 -5.98
CA THR A 92 6.13 1.29 -5.08
C THR A 92 7.43 2.08 -4.98
N GLY A 93 7.58 2.86 -3.92
CA GLY A 93 8.84 3.51 -3.66
C GLY A 93 8.69 4.96 -3.30
N GLY A 94 9.44 5.82 -3.98
CA GLY A 94 9.06 7.20 -4.12
C GLY A 94 7.93 7.21 -5.13
N GLU A 95 8.18 7.72 -6.32
CA GLU A 95 7.17 7.74 -7.38
C GLU A 95 7.59 6.81 -8.51
N PRO A 96 6.98 5.63 -8.62
CA PRO A 96 7.44 4.66 -9.62
C PRO A 96 7.33 5.16 -11.05
N LEU A 97 6.41 6.08 -11.35
CA LEU A 97 6.33 6.61 -12.70
C LEU A 97 7.52 7.48 -13.06
N MET A 98 8.36 7.86 -12.09
CA MET A 98 9.62 8.50 -12.41
C MET A 98 10.68 7.49 -12.86
N HIS A 99 10.50 6.22 -12.54
CA HIS A 99 11.40 5.19 -13.04
C HIS A 99 11.21 5.04 -14.54
N THR A 100 12.27 5.25 -15.32
CA THR A 100 12.15 5.25 -16.76
C THR A 100 11.85 3.86 -17.33
N ASP A 101 12.02 2.79 -16.55
CA ASP A 101 11.83 1.43 -17.01
C ASP A 101 10.57 0.77 -16.45
N VAL A 102 9.69 1.54 -15.80
CA VAL A 102 8.56 0.93 -15.11
C VAL A 102 7.62 0.21 -16.08
N ALA A 103 7.50 0.72 -17.31
CA ALA A 103 6.66 0.03 -18.30
C ALA A 103 7.30 -1.29 -18.73
N GLU A 104 8.62 -1.28 -18.96
CA GLU A 104 9.30 -2.51 -19.34
C GLU A 104 9.28 -3.52 -18.19
N LEU A 105 9.34 -3.04 -16.94
CA LEU A 105 9.23 -3.92 -15.79
C LEU A 105 7.87 -4.59 -15.73
N VAL A 106 6.80 -3.83 -16.00
CA VAL A 106 5.46 -4.42 -16.05
C VAL A 106 5.36 -5.42 -17.18
N ARG A 107 5.94 -5.07 -18.34
CA ARG A 107 5.89 -5.97 -19.49
C ARG A 107 6.59 -7.28 -19.20
N ARG A 108 7.75 -7.22 -18.54
CA ARG A 108 8.50 -8.45 -18.25
C ARG A 108 7.84 -9.26 -17.14
N GLY A 109 7.31 -8.58 -16.12
CA GLY A 109 6.59 -9.29 -15.08
C GLY A 109 5.36 -9.99 -15.62
N THR A 110 4.60 -9.31 -16.49
CA THR A 110 3.40 -9.92 -17.06
C THR A 110 3.75 -11.11 -17.93
N ASP A 111 4.83 -11.02 -18.71
CA ASP A 111 5.24 -12.14 -19.54
C ASP A 111 5.66 -13.37 -18.73
N ALA A 112 5.87 -13.22 -17.43
CA ALA A 112 6.17 -14.34 -16.55
C ALA A 112 4.94 -14.80 -15.77
N GLY A 113 3.75 -14.30 -16.10
CA GLY A 113 2.54 -14.69 -15.43
C GLY A 113 2.17 -13.88 -14.20
N MET A 114 2.93 -12.83 -13.88
CA MET A 114 2.66 -12.05 -12.68
C MET A 114 1.58 -11.01 -12.93
N LYS A 115 0.66 -10.88 -11.97
CA LYS A 115 -0.31 -9.79 -11.99
C LYS A 115 0.39 -8.53 -11.48
N MET A 116 0.59 -7.56 -12.36
CA MET A 116 1.41 -6.39 -12.06
C MET A 116 0.55 -5.24 -11.54
N SER A 117 1.11 -4.52 -10.56
CA SER A 117 0.43 -3.39 -9.93
C SER A 117 1.45 -2.29 -9.65
N ILE A 118 0.96 -1.04 -9.63
CA ILE A 118 1.79 0.14 -9.40
C ILE A 118 1.07 1.06 -8.43
N ILE A 119 1.78 1.57 -7.44
CA ILE A 119 1.27 2.61 -6.55
C ILE A 119 1.87 3.93 -7.02
N THR A 120 1.03 4.87 -7.44
CA THR A 120 1.49 6.15 -7.94
C THR A 120 0.73 7.29 -7.27
N ASN A 121 1.37 8.46 -7.20
CA ASN A 121 0.68 9.65 -6.75
C ASN A 121 -0.18 10.27 -7.84
N GLY A 122 -0.09 9.75 -9.07
CA GLY A 122 -1.03 10.08 -10.12
C GLY A 122 -0.61 11.21 -11.04
N MET A 123 0.44 11.97 -10.70
CA MET A 123 0.77 13.16 -11.47
C MET A 123 1.08 12.82 -12.92
N MET A 124 1.81 11.73 -13.15
CA MET A 124 2.22 11.34 -14.50
C MET A 124 1.37 10.20 -15.05
N LEU A 125 0.34 9.79 -14.33
CA LEU A 125 -0.47 8.65 -14.76
C LEU A 125 -1.21 8.89 -16.08
N PRO A 126 -1.86 10.04 -16.33
CA PRO A 126 -2.53 10.21 -17.63
C PRO A 126 -1.59 10.08 -18.81
N ARG A 127 -0.32 10.45 -18.65
CA ARG A 127 0.64 10.39 -19.74
C ARG A 127 1.12 8.97 -20.02
N GLN A 128 1.13 8.10 -19.01
CA GLN A 128 1.74 6.78 -19.13
C GLN A 128 0.75 5.62 -19.01
N ILE A 129 -0.53 5.88 -18.69
CA ILE A 129 -1.45 4.78 -18.45
C ILE A 129 -1.68 3.96 -19.71
N GLU A 130 -1.63 4.58 -20.89
CA GLU A 130 -1.84 3.84 -22.12
C GLU A 130 -0.71 2.83 -22.35
N ARG A 131 0.53 3.28 -22.22
CA ARG A 131 1.66 2.36 -22.40
C ARG A 131 1.71 1.33 -21.29
N LEU A 132 1.36 1.72 -20.06
CA LEU A 132 1.32 0.75 -18.96
C LEU A 132 0.26 -0.30 -19.19
N ALA A 133 -0.95 0.12 -19.60
CA ALA A 133 -2.01 -0.83 -19.88
C ALA A 133 -1.61 -1.78 -21.02
N ASP A 134 -1.06 -1.22 -22.10
CA ASP A 134 -0.60 -2.06 -23.21
C ASP A 134 0.52 -2.99 -22.78
N ALA A 135 1.31 -2.61 -21.79
CA ALA A 135 2.35 -3.46 -21.26
C ALA A 135 1.82 -4.57 -20.36
N GLY A 136 0.53 -4.57 -20.05
CA GLY A 136 -0.08 -5.62 -19.26
C GLY A 136 -0.35 -5.28 -17.82
N LEU A 137 -0.42 -3.99 -17.46
CA LEU A 137 -0.68 -3.62 -16.08
C LEU A 137 -2.05 -4.10 -15.64
N ALA A 138 -2.11 -4.81 -14.51
CA ALA A 138 -3.36 -5.38 -14.03
C ALA A 138 -4.09 -4.48 -13.06
N GLN A 139 -3.36 -3.72 -12.24
CA GLN A 139 -3.96 -2.84 -11.26
C GLN A 139 -3.16 -1.55 -11.18
N ILE A 140 -3.86 -0.44 -10.97
CA ILE A 140 -3.23 0.85 -10.67
C ILE A 140 -3.78 1.33 -9.33
N ILE A 141 -2.88 1.74 -8.44
CA ILE A 141 -3.25 2.31 -7.16
C ILE A 141 -2.81 3.77 -7.16
N VAL A 142 -3.76 4.67 -6.91
CA VAL A 142 -3.49 6.11 -6.84
C VAL A 142 -3.73 6.57 -5.41
N SER A 143 -2.81 7.37 -4.88
CA SER A 143 -2.91 7.88 -3.52
C SER A 143 -3.64 9.22 -3.54
N LEU A 144 -4.83 9.25 -2.96
CA LEU A 144 -5.61 10.46 -2.81
C LEU A 144 -5.93 10.66 -1.34
N ASP A 145 -5.67 11.86 -0.82
CA ASP A 145 -5.87 12.18 0.60
C ASP A 145 -6.86 13.32 0.80
N GLY A 146 -7.69 13.61 -0.19
CA GLY A 146 -8.70 14.64 -0.05
C GLY A 146 -9.83 14.41 -1.02
N GLY A 147 -10.97 15.02 -0.72
CA GLY A 147 -12.12 14.92 -1.59
C GLY A 147 -12.10 15.83 -2.80
N SER A 148 -11.07 16.65 -2.94
CA SER A 148 -11.01 17.62 -4.03
C SER A 148 -9.56 18.01 -4.25
N ALA A 149 -9.32 18.68 -5.38
CA ALA A 149 -7.98 19.20 -5.66
C ALA A 149 -7.57 20.25 -4.65
N ALA A 150 -8.53 21.04 -4.14
CA ALA A 150 -8.20 22.16 -3.28
C ALA A 150 -7.60 21.70 -1.94
N THR A 151 -7.82 20.45 -1.55
CA THR A 151 -7.24 19.93 -0.32
C THR A 151 -6.12 18.94 -0.58
N HIS A 152 -6.31 17.99 -1.50
CA HIS A 152 -5.28 17.00 -1.79
C HIS A 152 -4.01 17.68 -2.30
N ASP A 153 -4.14 18.56 -3.30
CA ASP A 153 -2.97 19.23 -3.86
C ASP A 153 -2.25 20.09 -2.84
N VAL A 154 -2.91 20.45 -1.74
CA VAL A 154 -2.22 21.17 -0.67
C VAL A 154 -1.45 20.19 0.21
N TYR A 155 -2.07 19.05 0.54
CA TYR A 155 -1.41 18.08 1.41
C TYR A 155 -0.14 17.53 0.78
N ARG A 156 -0.15 17.33 -0.54
CA ARG A 156 1.00 16.86 -1.28
C ARG A 156 1.77 17.98 -1.96
N ARG A 157 1.33 19.23 -1.77
CA ARG A 157 2.01 20.42 -2.29
C ARG A 157 2.39 20.28 -3.76
N SER A 158 1.41 19.89 -4.56
CA SER A 158 1.65 19.60 -5.98
C SER A 158 0.39 19.90 -6.76
N PRO A 159 0.19 21.15 -7.16
CA PRO A 159 -1.04 21.52 -7.87
C PRO A 159 -1.21 20.70 -9.14
N GLY A 160 -2.44 20.23 -9.36
CA GLY A 160 -2.76 19.41 -10.51
C GLY A 160 -2.63 17.92 -10.27
N MET A 161 -2.19 17.50 -9.09
CA MET A 161 -1.98 16.08 -8.84
C MET A 161 -3.28 15.34 -8.64
N PHE A 162 -4.24 15.95 -7.95
CA PHE A 162 -5.55 15.33 -7.76
C PHE A 162 -6.24 15.13 -9.11
N ASP A 163 -6.29 16.17 -9.92
CA ASP A 163 -6.98 16.08 -11.21
C ASP A 163 -6.34 15.03 -12.10
N ASN A 164 -5.00 14.97 -12.14
CA ASN A 164 -4.31 13.97 -12.95
C ASN A 164 -4.55 12.57 -12.42
N GLY A 165 -4.61 12.42 -11.09
CA GLY A 165 -4.92 11.12 -10.52
C GLY A 165 -6.29 10.63 -10.92
N LEU A 166 -7.29 11.52 -10.90
CA LEU A 166 -8.65 11.12 -11.26
C LEU A 166 -8.75 10.79 -12.74
N ARG A 167 -8.12 11.58 -13.61
CA ARG A 167 -8.09 11.26 -15.03
C ARG A 167 -7.44 9.90 -15.26
N GLY A 168 -6.28 9.66 -14.64
CA GLY A 168 -5.59 8.40 -14.83
C GLY A 168 -6.39 7.21 -14.31
N LEU A 169 -7.22 7.43 -13.30
CA LEU A 169 -8.09 6.35 -12.80
C LEU A 169 -9.21 6.07 -13.79
N ARG A 170 -9.89 7.12 -14.28
CA ARG A 170 -10.92 6.93 -15.28
C ARG A 170 -10.35 6.29 -16.54
N ALA A 171 -9.15 6.72 -16.96
CA ALA A 171 -8.54 6.14 -18.15
C ALA A 171 -8.14 4.70 -17.92
N ALA A 172 -7.66 4.37 -16.71
CA ALA A 172 -7.32 2.99 -16.41
C ALA A 172 -8.56 2.11 -16.40
N ALA A 173 -9.69 2.64 -15.94
CA ALA A 173 -10.92 1.85 -15.91
C ALA A 173 -11.35 1.44 -17.31
N ARG A 174 -11.39 2.40 -18.25
CA ARG A 174 -11.82 2.08 -19.61
C ARG A 174 -10.77 1.27 -20.37
N LEU A 175 -9.54 1.18 -19.87
CA LEU A 175 -8.51 0.34 -20.48
C LEU A 175 -8.46 -1.05 -19.86
N GLY A 176 -9.35 -1.37 -18.93
CA GLY A 176 -9.41 -2.68 -18.33
C GLY A 176 -8.53 -2.89 -17.12
N VAL A 177 -7.83 -1.85 -16.66
CA VAL A 177 -6.99 -1.94 -15.47
C VAL A 177 -7.86 -1.78 -14.23
N LEU A 178 -7.57 -2.57 -13.20
CA LEU A 178 -8.31 -2.48 -11.95
C LEU A 178 -7.94 -1.21 -11.21
N PRO A 179 -8.88 -0.27 -11.00
CA PRO A 179 -8.53 0.99 -10.31
C PRO A 179 -8.75 0.93 -8.81
N ARG A 180 -7.68 1.13 -8.04
CA ARG A 180 -7.75 1.20 -6.58
C ARG A 180 -7.16 2.52 -6.12
N VAL A 181 -7.63 3.01 -4.97
CA VAL A 181 -7.14 4.24 -4.38
C VAL A 181 -6.67 3.96 -2.95
N ASN A 182 -5.48 4.45 -2.62
CA ASN A 182 -4.99 4.49 -1.25
C ASN A 182 -5.26 5.87 -0.67
N SER A 183 -5.75 5.90 0.58
CA SER A 183 -6.01 7.16 1.27
C SER A 183 -5.43 7.10 2.66
N VAL A 184 -4.75 8.17 3.06
CA VAL A 184 -4.17 8.34 4.39
C VAL A 184 -5.00 9.39 5.10
N VAL A 185 -5.57 9.03 6.24
CA VAL A 185 -6.55 9.86 6.93
C VAL A 185 -6.07 10.16 8.33
N GLY A 186 -6.19 11.43 8.73
CA GLY A 186 -5.90 11.85 10.08
C GLY A 186 -6.77 13.02 10.46
N PRO A 187 -6.44 13.69 11.57
CA PRO A 187 -7.26 14.83 12.01
C PRO A 187 -7.42 15.93 10.98
N HIS A 188 -6.53 15.99 9.98
CA HIS A 188 -6.50 17.08 9.03
C HIS A 188 -7.47 16.90 7.87
N ASN A 189 -8.00 15.69 7.65
CA ASN A 189 -8.79 15.46 6.44
C ASN A 189 -9.93 14.46 6.61
N TYR A 190 -10.25 14.00 7.83
CA TYR A 190 -11.23 12.94 7.96
C TYR A 190 -12.63 13.39 7.58
N THR A 191 -12.94 14.69 7.74
CA THR A 191 -14.25 15.20 7.32
C THR A 191 -14.42 15.11 5.81
N GLU A 192 -13.33 15.01 5.07
CA GLU A 192 -13.38 14.90 3.61
C GLU A 192 -13.70 13.50 3.11
N MET A 193 -13.68 12.49 3.99
CA MET A 193 -13.80 11.12 3.50
C MET A 193 -15.20 10.81 2.95
N PRO A 194 -16.28 11.33 3.53
CA PRO A 194 -17.58 11.17 2.85
C PRO A 194 -17.61 11.76 1.45
N GLN A 195 -16.89 12.85 1.21
CA GLN A 195 -16.88 13.41 -0.14
C GLN A 195 -15.99 12.60 -1.06
N LEU A 196 -14.85 12.12 -0.56
CA LEU A 196 -14.00 11.27 -1.39
C LEU A 196 -14.69 9.97 -1.76
N GLN A 197 -15.55 9.46 -0.88
CA GLN A 197 -16.23 8.20 -1.16
C GLN A 197 -17.11 8.30 -2.39
N ARG A 198 -17.89 9.37 -2.50
CA ARG A 198 -18.75 9.50 -3.67
C ARG A 198 -18.00 10.04 -4.89
N VAL A 199 -16.84 10.66 -4.69
CA VAL A 199 -15.98 10.98 -5.82
C VAL A 199 -15.42 9.70 -6.43
N LEU A 200 -14.86 8.82 -5.58
CA LEU A 200 -14.33 7.55 -6.04
C LEU A 200 -15.43 6.68 -6.65
N THR A 201 -16.60 6.67 -6.01
CA THR A 201 -17.72 5.88 -6.53
C THR A 201 -18.12 6.36 -7.92
N GLU A 202 -18.27 7.68 -8.08
CA GLU A 202 -18.68 8.23 -9.36
C GLU A 202 -17.62 8.02 -10.43
N ALA A 203 -16.36 7.90 -10.03
CA ALA A 203 -15.25 7.74 -10.97
C ALA A 203 -15.01 6.29 -11.37
N GLY A 204 -15.76 5.34 -10.81
CA GLY A 204 -15.58 3.95 -11.16
C GLY A 204 -14.44 3.25 -10.45
N VAL A 205 -13.87 3.85 -9.40
CA VAL A 205 -12.86 3.14 -8.61
C VAL A 205 -13.51 1.94 -7.94
N ARG A 206 -12.81 0.81 -7.95
CA ARG A 206 -13.40 -0.43 -7.47
C ARG A 206 -12.78 -0.94 -6.18
N GLN A 207 -11.68 -0.35 -5.71
CA GLN A 207 -11.11 -0.67 -4.42
C GLN A 207 -10.60 0.60 -3.75
N TRP A 208 -10.71 0.65 -2.43
CA TRP A 208 -10.36 1.83 -1.65
C TRP A 208 -9.72 1.39 -0.35
N GLU A 209 -8.45 1.77 -0.15
CA GLU A 209 -7.77 1.58 1.13
C GLU A 209 -7.86 2.89 1.91
N LEU A 210 -8.44 2.83 3.09
CA LEU A 210 -8.56 3.98 3.98
C LEU A 210 -7.83 3.62 5.27
N SER A 211 -6.61 4.10 5.41
CA SER A 211 -5.75 3.74 6.52
C SER A 211 -5.24 4.99 7.23
N ALA A 212 -4.84 4.80 8.49
CA ALA A 212 -4.55 5.94 9.36
C ALA A 212 -3.19 6.56 9.04
N LEU A 213 -3.12 7.87 9.26
CA LEU A 213 -1.84 8.56 9.28
C LEU A 213 -0.93 7.93 10.32
N LYS A 214 0.34 7.75 9.97
CA LYS A 214 1.33 7.16 10.86
C LYS A 214 2.53 8.07 10.98
N LEU A 215 2.82 8.51 12.19
CA LEU A 215 3.95 9.37 12.49
C LEU A 215 4.61 8.89 13.77
N GLU A 216 5.87 9.29 13.96
CA GLU A 216 6.53 8.98 15.22
C GLU A 216 5.86 9.71 16.39
N ARG A 217 5.57 10.99 16.20
CA ARG A 217 4.87 11.75 17.23
C ARG A 217 3.44 11.27 17.38
N ALA A 218 2.87 11.51 18.55
CA ALA A 218 1.49 11.13 18.80
C ALA A 218 0.54 11.93 17.93
N ILE A 219 -0.60 11.34 17.63
CA ILE A 219 -1.62 11.95 16.79
C ILE A 219 -2.93 11.94 17.56
N SER A 220 -3.45 13.12 17.87
CA SER A 220 -4.67 13.25 18.67
C SER A 220 -5.74 13.97 17.86
N TYR A 221 -6.94 13.38 17.83
CA TYR A 221 -8.11 14.04 17.27
C TYR A 221 -8.79 14.88 18.36
N PRO A 222 -9.24 16.09 18.04
CA PRO A 222 -9.93 16.90 19.05
C PRO A 222 -11.25 16.31 19.50
N ASP A 223 -11.90 15.48 18.67
CA ASP A 223 -13.24 14.99 18.94
C ASP A 223 -13.46 13.64 18.28
N PRO A 224 -13.12 12.53 18.94
CA PRO A 224 -13.32 11.22 18.30
C PRO A 224 -14.77 10.91 17.96
N ASP A 225 -15.73 11.37 18.78
CA ASP A 225 -17.14 11.16 18.45
C ASP A 225 -17.49 11.75 17.10
N HIS A 226 -16.91 12.91 16.77
CA HIS A 226 -17.18 13.53 15.48
C HIS A 226 -16.53 12.73 14.35
N VAL A 227 -15.41 12.06 14.63
CA VAL A 227 -14.80 11.19 13.63
C VAL A 227 -15.72 10.02 13.33
N ARG A 228 -16.32 9.43 14.36
CA ARG A 228 -17.27 8.34 14.13
C ARG A 228 -18.54 8.84 13.48
N ALA A 229 -19.00 10.05 13.86
CA ALA A 229 -20.25 10.56 13.31
C ALA A 229 -20.16 10.77 11.81
N LEU A 230 -18.98 11.15 11.31
CA LEU A 230 -18.81 11.39 9.88
C LEU A 230 -18.35 10.16 9.10
N CYS A 231 -17.55 9.29 9.72
CA CYS A 231 -16.91 8.20 9.00
C CYS A 231 -17.60 6.86 9.14
N ASP A 232 -18.30 6.62 10.24
CA ASP A 232 -19.14 5.42 10.33
C ASP A 232 -20.14 5.28 9.19
N PRO A 233 -20.83 6.34 8.74
CA PRO A 233 -21.68 6.18 7.55
C PRO A 233 -20.91 5.77 6.31
N VAL A 234 -19.65 6.18 6.17
CA VAL A 234 -18.84 5.76 5.03
C VAL A 234 -18.66 4.24 5.04
N TYR A 235 -18.40 3.66 6.22
CA TYR A 235 -18.28 2.22 6.34
C TYR A 235 -19.61 1.50 6.36
N ASP A 236 -20.69 2.18 6.74
CA ASP A 236 -22.01 1.58 6.80
C ASP A 236 -22.79 1.75 5.50
N ALA A 237 -22.16 2.26 4.46
CA ALA A 237 -22.86 2.46 3.19
C ALA A 237 -23.13 1.11 2.51
N ASP A 238 -24.07 1.13 1.59
CA ASP A 238 -24.36 -0.04 0.78
C ASP A 238 -23.23 -0.26 -0.22
N PRO A 239 -22.51 -1.39 -0.16
CA PRO A 239 -21.42 -1.61 -1.13
C PRO A 239 -21.91 -1.76 -2.55
N GLU A 240 -23.21 -2.00 -2.74
CA GLU A 240 -23.79 -2.06 -4.08
C GLU A 240 -23.80 -0.69 -4.75
N HIS A 241 -23.90 0.37 -3.97
CA HIS A 241 -24.01 1.72 -4.49
C HIS A 241 -22.86 2.64 -4.12
N MET A 242 -22.13 2.35 -3.04
CA MET A 242 -21.05 3.19 -2.56
C MET A 242 -19.81 2.33 -2.31
N LEU A 243 -18.66 2.87 -2.69
CA LEU A 243 -17.40 2.17 -2.48
C LEU A 243 -17.02 2.24 -1.01
N VAL A 244 -17.14 1.12 -0.30
CA VAL A 244 -16.73 1.09 1.11
C VAL A 244 -15.31 0.52 1.19
N PRO A 245 -14.49 1.00 2.13
CA PRO A 245 -13.06 0.65 2.11
C PRO A 245 -12.79 -0.80 2.48
N LEU A 246 -11.60 -1.24 2.08
CA LEU A 246 -11.09 -2.57 2.41
C LEU A 246 -10.80 -2.68 3.90
N GLY A 247 -10.78 -3.93 4.38
CA GLY A 247 -10.30 -4.26 5.70
C GLY A 247 -11.01 -3.53 6.83
N LYS A 248 -10.25 -3.26 7.89
CA LYS A 248 -10.79 -2.62 9.08
C LYS A 248 -10.98 -1.13 8.85
N ARG A 249 -11.75 -0.52 9.74
CA ARG A 249 -11.85 0.93 9.77
C ARG A 249 -10.54 1.51 10.29
N PHE A 250 -10.18 2.69 9.77
CA PHE A 250 -8.87 3.24 10.11
C PHE A 250 -8.74 3.56 11.59
N TYR A 251 -9.85 3.76 12.29
CA TYR A 251 -9.84 4.03 13.72
C TYR A 251 -10.20 2.81 14.55
N GLY A 252 -10.28 1.63 13.93
CA GLY A 252 -10.59 0.42 14.64
C GLY A 252 -12.05 0.00 14.50
N ASP A 253 -12.30 -1.28 14.75
CA ASP A 253 -13.63 -1.86 14.64
C ASP A 253 -14.28 -2.16 15.99
N THR A 254 -13.52 -2.72 16.92
CA THR A 254 -14.03 -2.96 18.26
C THR A 254 -13.92 -1.69 19.11
N PRO A 255 -14.76 -1.56 20.14
CA PRO A 255 -14.57 -0.43 21.06
C PRO A 255 -13.19 -0.40 21.70
N GLU A 256 -12.55 -1.56 21.86
CA GLU A 256 -11.20 -1.58 22.42
C GLU A 256 -10.19 -1.07 21.40
N GLU A 257 -10.35 -1.42 20.13
CA GLU A 257 -9.44 -0.91 19.10
C GLU A 257 -9.56 0.59 18.95
N GLN A 258 -10.80 1.11 19.00
CA GLN A 258 -10.99 2.55 18.83
C GLN A 258 -10.41 3.33 20.01
N GLU A 259 -10.53 2.78 21.21
CA GLU A 259 -9.88 3.41 22.37
C GLU A 259 -8.37 3.40 22.22
N LEU A 260 -7.80 2.28 21.78
CA LEU A 260 -6.36 2.20 21.60
C LEU A 260 -5.86 3.12 20.49
N TYR A 261 -6.71 3.44 19.51
CA TYR A 261 -6.29 4.31 18.43
C TYR A 261 -6.40 5.78 18.81
N PHE A 262 -7.53 6.18 19.40
CA PHE A 262 -7.73 7.58 19.72
C PHE A 262 -6.90 8.00 20.93
N SER A 263 -6.85 7.16 21.97
CA SER A 263 -6.18 7.55 23.20
C SER A 263 -4.68 7.36 23.15
N ASP A 264 -4.19 6.36 22.40
CA ASP A 264 -2.77 6.04 22.43
C ASP A 264 -2.15 5.96 21.03
N SER A 265 -2.86 6.40 20.00
CA SER A 265 -2.31 6.49 18.65
C SER A 265 -1.79 5.14 18.14
N VAL A 266 -2.37 4.05 18.60
CA VAL A 266 -2.01 2.71 18.14
C VAL A 266 -2.94 2.33 17.00
N THR A 267 -2.37 2.07 15.83
CA THR A 267 -3.22 1.80 14.70
C THR A 267 -3.75 0.36 14.73
N PRO A 268 -4.94 0.13 14.16
CA PRO A 268 -5.45 -1.24 14.07
C PRO A 268 -4.47 -2.12 13.30
N ARG A 269 -4.33 -3.37 13.77
CA ARG A 269 -3.43 -4.34 13.17
C ARG A 269 -4.14 -5.68 13.09
N ALA A 270 -3.40 -6.68 12.60
CA ALA A 270 -3.90 -8.05 12.60
C ALA A 270 -4.33 -8.44 14.01
N SER A 271 -5.58 -8.90 14.14
CA SER A 271 -6.08 -9.26 15.45
C SER A 271 -5.72 -10.70 15.77
N ALA A 272 -6.57 -11.40 16.55
CA ALA A 272 -6.45 -12.83 16.75
C ALA A 272 -5.10 -13.12 17.42
N PRO A 273 -4.64 -14.37 17.52
CA PRO A 273 -3.28 -14.57 18.02
C PRO A 273 -2.19 -14.38 16.98
N LEU A 274 -2.50 -14.62 15.70
CA LEU A 274 -1.46 -14.69 14.68
C LEU A 274 -1.72 -13.69 13.57
N CYS A 275 -0.64 -13.19 12.98
CA CYS A 275 -0.69 -12.45 11.74
C CYS A 275 -0.29 -13.37 10.59
N HIS A 276 -1.14 -13.45 9.57
CA HIS A 276 -0.90 -14.31 8.42
C HIS A 276 -0.38 -13.55 7.20
N VAL A 277 -0.29 -12.22 7.29
CA VAL A 277 0.25 -11.44 6.19
C VAL A 277 1.71 -11.82 5.92
N VAL A 278 2.46 -12.14 6.98
CA VAL A 278 3.88 -12.46 6.82
C VAL A 278 4.13 -13.73 6.04
N ASP A 279 3.08 -14.50 5.72
CA ASP A 279 3.22 -15.65 4.85
C ASP A 279 3.01 -15.32 3.38
N ASP A 280 2.29 -14.24 3.08
CA ASP A 280 1.85 -13.96 1.71
C ASP A 280 2.46 -12.70 1.11
N VAL A 281 3.24 -11.93 1.88
CA VAL A 281 3.75 -10.65 1.40
C VAL A 281 5.27 -10.63 1.56
N ILE A 282 5.96 -10.19 0.51
CA ILE A 282 7.40 -9.92 0.55
C ILE A 282 7.61 -8.50 0.04
N TYR A 283 8.30 -7.69 0.84
CA TYR A 283 8.55 -6.29 0.50
C TYR A 283 10.06 -6.09 0.36
N LEU A 284 10.49 -5.75 -0.86
CA LEU A 284 11.90 -5.56 -1.17
C LEU A 284 12.23 -4.08 -1.10
N ASP A 285 12.99 -3.68 -0.08
CA ASP A 285 13.61 -2.37 -0.03
C ASP A 285 14.74 -2.38 -1.05
N GLY A 286 14.52 -1.76 -2.21
CA GLY A 286 15.45 -1.90 -3.31
C GLY A 286 16.79 -1.24 -3.04
N LYS A 287 16.78 0.01 -2.58
CA LYS A 287 18.02 0.75 -2.40
C LYS A 287 18.97 0.01 -1.48
N TYR A 288 18.50 -0.36 -0.28
CA TYR A 288 19.26 -1.21 0.61
C TYR A 288 18.99 -2.66 0.20
N GLY A 289 19.48 -3.63 0.97
CA GLY A 289 19.33 -4.99 0.51
C GLY A 289 18.34 -5.79 1.31
N ARG A 290 17.24 -5.15 1.73
CA ARG A 290 16.38 -5.71 2.76
C ARG A 290 15.08 -6.24 2.19
N ALA A 291 14.67 -7.41 2.68
CA ALA A 291 13.38 -8.00 2.36
C ALA A 291 12.55 -8.10 3.62
N TYR A 292 11.30 -7.65 3.56
CA TYR A 292 10.41 -7.64 4.71
C TYR A 292 9.23 -8.55 4.47
N ALA A 293 8.68 -9.10 5.55
CA ALA A 293 7.54 -10.01 5.48
C ALA A 293 6.20 -9.30 5.37
N CYS A 294 6.19 -7.98 5.29
CA CYS A 294 4.95 -7.24 5.05
C CYS A 294 5.32 -5.85 4.54
N SER A 295 4.30 -5.13 4.07
CA SER A 295 4.50 -3.82 3.45
C SER A 295 4.42 -2.66 4.44
N CYS A 296 4.35 -2.95 5.74
CA CYS A 296 4.40 -1.92 6.78
C CYS A 296 5.65 -2.00 7.64
N LEU A 297 6.23 -3.19 7.79
CA LEU A 297 7.45 -3.33 8.56
C LEU A 297 8.65 -2.54 8.03
N PRO A 298 8.80 -2.29 6.72
CA PRO A 298 9.94 -1.45 6.29
C PRO A 298 9.91 -0.04 6.84
N HIS A 299 8.74 0.48 7.20
CA HIS A 299 8.61 1.85 7.70
C HIS A 299 8.63 1.94 9.22
N ARG A 300 8.98 0.86 9.91
CA ARG A 300 9.00 0.86 11.36
C ARG A 300 10.40 1.27 11.85
N GLU A 301 10.54 1.37 13.18
CA GLU A 301 11.82 1.70 13.81
C GLU A 301 12.37 0.48 14.54
N GLY A 302 11.72 0.05 15.63
CA GLY A 302 12.08 -1.17 16.32
C GLY A 302 13.50 -1.24 16.86
N ASP A 303 14.35 -2.01 16.20
CA ASP A 303 15.76 -2.06 16.57
C ASP A 303 16.54 -0.89 16.00
N ASP A 304 17.85 -1.07 15.84
CA ASP A 304 18.71 -0.12 15.18
C ASP A 304 19.38 -0.69 13.94
N GLU A 305 19.88 -1.92 14.01
CA GLU A 305 20.43 -2.57 12.83
C GLU A 305 19.32 -2.83 11.82
N PRO A 306 19.66 -3.03 10.54
CA PRO A 306 18.62 -3.09 9.50
C PRO A 306 17.58 -4.16 9.78
N GLY A 307 16.32 -3.83 9.49
CA GLY A 307 15.23 -4.75 9.67
C GLY A 307 15.08 -5.70 8.50
N GLY A 308 14.12 -6.61 8.62
CA GLY A 308 13.96 -7.62 7.59
C GLY A 308 15.17 -8.52 7.51
N ALA A 309 15.40 -9.05 6.31
CA ALA A 309 16.51 -9.95 6.03
C ALA A 309 17.20 -9.50 4.76
N PRO A 310 18.48 -9.87 4.60
CA PRO A 310 19.19 -9.52 3.36
C PRO A 310 18.50 -10.12 2.13
N LEU A 311 18.42 -9.33 1.06
CA LEU A 311 17.89 -9.82 -0.20
C LEU A 311 18.89 -10.71 -0.94
N ARG A 312 20.19 -10.43 -0.79
CA ARG A 312 21.24 -11.21 -1.43
C ARG A 312 22.09 -11.89 -0.36
N GLU A 313 22.58 -13.08 -0.68
CA GLU A 313 23.43 -13.84 0.21
C GLU A 313 24.91 -13.81 -0.19
N ASP A 314 25.21 -13.86 -1.47
CA ASP A 314 26.57 -13.71 -1.97
C ASP A 314 26.50 -12.98 -3.31
N GLY A 315 25.86 -11.81 -3.31
CA GLY A 315 25.50 -11.15 -4.54
C GLY A 315 24.33 -11.76 -5.27
N VAL A 316 23.81 -12.89 -4.78
CA VAL A 316 22.76 -13.64 -5.45
C VAL A 316 21.44 -13.32 -4.77
N ILE A 317 20.47 -12.85 -5.56
CA ILE A 317 19.13 -12.58 -5.02
C ILE A 317 18.48 -13.89 -4.62
N ARG A 318 18.00 -13.96 -3.38
CA ARG A 318 17.31 -15.13 -2.88
C ARG A 318 16.12 -14.69 -2.03
N LEU A 319 15.08 -15.50 -2.05
CA LEU A 319 13.86 -15.25 -1.30
C LEU A 319 13.63 -16.35 -0.28
N ASP A 320 12.93 -16.01 0.80
CA ASP A 320 12.60 -16.96 1.86
C ASP A 320 13.85 -17.62 2.44
N THR A 321 14.93 -16.84 2.53
CA THR A 321 16.15 -17.31 3.17
C THR A 321 15.87 -17.62 4.64
N PRO A 322 16.72 -18.45 5.27
CA PRO A 322 16.54 -18.71 6.71
C PRO A 322 16.39 -17.45 7.55
N ALA A 323 17.13 -16.39 7.22
CA ALA A 323 16.97 -15.13 7.94
C ALA A 323 15.59 -14.54 7.70
N PHE A 324 15.09 -14.63 6.47
CA PHE A 324 13.76 -14.10 6.17
C PHE A 324 12.68 -14.89 6.87
N ARG A 325 12.79 -16.22 6.87
CA ARG A 325 11.81 -17.03 7.58
C ARG A 325 11.85 -16.77 9.08
N THR A 326 13.04 -16.49 9.62
CA THR A 326 13.13 -16.10 11.03
C THR A 326 12.47 -14.75 11.26
N HIS A 327 12.71 -13.78 10.37
CA HIS A 327 12.06 -12.48 10.49
C HIS A 327 10.54 -12.62 10.42
N ALA A 328 10.04 -13.39 9.46
CA ALA A 328 8.59 -13.57 9.33
C ALA A 328 8.03 -14.33 10.52
N ASP A 329 8.75 -15.33 11.03
CA ASP A 329 8.26 -16.12 12.15
C ASP A 329 8.07 -15.26 13.40
N PHE A 330 8.93 -14.26 13.60
CA PHE A 330 8.78 -13.39 14.77
C PHE A 330 7.44 -12.65 14.72
N PHE A 331 7.12 -12.04 13.58
CA PHE A 331 5.94 -11.21 13.51
C PHE A 331 4.66 -12.03 13.30
N ARG A 332 4.77 -13.27 12.83
CA ARG A 332 3.60 -14.13 12.83
C ARG A 332 3.04 -14.29 14.24
N THR A 333 3.92 -14.42 15.23
CA THR A 333 3.51 -14.60 16.61
C THR A 333 3.33 -13.28 17.34
N GLU A 334 4.22 -12.31 17.11
CA GLU A 334 4.25 -11.09 17.90
C GLU A 334 3.59 -9.90 17.22
N GLY A 335 3.41 -9.95 15.90
CA GLY A 335 2.80 -8.87 15.15
C GLY A 335 1.53 -8.31 15.75
N PRO A 336 0.55 -9.17 16.03
CA PRO A 336 -0.69 -8.69 16.66
C PRO A 336 -0.49 -8.06 18.03
N ARG A 337 0.72 -8.07 18.59
CA ARG A 337 0.98 -7.53 19.91
C ARG A 337 1.91 -6.32 19.93
N VAL A 338 2.74 -6.12 18.91
CA VAL A 338 3.81 -5.13 19.03
C VAL A 338 3.81 -4.12 17.87
N CYS A 339 2.99 -4.37 16.85
CA CYS A 339 3.05 -3.59 15.62
C CYS A 339 2.13 -2.37 15.72
N ASN A 340 2.73 -1.19 15.85
CA ASN A 340 2.02 0.06 15.97
C ASN A 340 1.81 0.77 14.64
N GLY A 341 2.27 0.19 13.54
CA GLY A 341 2.16 0.85 12.25
C GLY A 341 1.54 0.00 11.15
N CYS A 342 0.53 -0.78 11.49
CA CYS A 342 -0.11 -1.64 10.50
C CYS A 342 -1.14 -0.85 9.68
N SER A 343 -1.60 -1.47 8.59
CA SER A 343 -2.57 -0.86 7.70
C SER A 343 -3.90 -1.61 7.77
N THR A 344 -4.97 -0.90 7.39
CA THR A 344 -6.30 -1.50 7.44
C THR A 344 -6.44 -2.66 6.48
N THR A 345 -5.80 -2.56 5.31
CA THR A 345 -5.84 -3.65 4.34
C THR A 345 -5.17 -4.91 4.88
N ALA A 346 -3.99 -4.75 5.48
CA ALA A 346 -3.25 -5.92 5.97
C ALA A 346 -3.94 -6.54 7.18
N ALA A 347 -4.55 -5.72 8.03
CA ALA A 347 -5.27 -6.25 9.18
C ALA A 347 -6.46 -7.09 8.73
N GLY A 348 -7.23 -6.59 7.75
CA GLY A 348 -8.33 -7.37 7.22
C GLY A 348 -7.88 -8.59 6.45
N TYR A 349 -6.71 -8.52 5.81
CA TYR A 349 -6.17 -9.67 5.11
C TYR A 349 -5.86 -10.80 6.09
N SER A 350 -5.12 -10.50 7.15
CA SER A 350 -4.76 -11.53 8.12
C SER A 350 -6.01 -12.10 8.80
N ASP A 351 -7.02 -11.26 9.04
CA ASP A 351 -8.23 -11.72 9.72
C ASP A 351 -9.03 -12.67 8.84
N ASP A 352 -9.09 -12.40 7.53
CA ASP A 352 -9.80 -13.32 6.64
C ASP A 352 -9.11 -14.68 6.59
N ILE A 353 -7.77 -14.68 6.64
CA ILE A 353 -7.05 -15.95 6.70
C ILE A 353 -7.35 -16.68 8.00
N ALA A 354 -7.52 -15.94 9.09
CA ALA A 354 -7.78 -16.58 10.38
C ALA A 354 -9.20 -17.12 10.45
N ARG A 355 -10.18 -16.35 9.97
CA ARG A 355 -11.57 -16.78 10.06
C ARG A 355 -11.99 -17.67 8.91
N LEU A 356 -11.57 -17.36 7.69
CA LEU A 356 -12.07 -18.01 6.49
C LEU A 356 -11.09 -18.95 5.82
N GLY A 357 -9.78 -18.79 6.06
CA GLY A 357 -8.78 -19.64 5.45
C GLY A 357 -8.31 -19.20 4.08
N GLY A 358 -8.79 -18.09 3.57
CA GLY A 358 -8.42 -17.65 2.24
C GLY A 358 -8.90 -16.25 1.97
N VAL A 359 -8.33 -15.65 0.93
CA VAL A 359 -8.67 -14.30 0.52
C VAL A 359 -9.04 -14.29 -0.95
N ARG A 360 -9.82 -13.28 -1.35
CA ARG A 360 -10.14 -13.08 -2.75
C ARG A 360 -8.94 -12.48 -3.46
N PRO A 361 -8.93 -12.53 -4.82
CA PRO A 361 -7.75 -12.08 -5.59
C PRO A 361 -7.03 -10.84 -5.07
N TRP A 362 -7.60 -9.65 -5.23
CA TRP A 362 -6.85 -8.42 -4.93
C TRP A 362 -7.18 -7.89 -3.53
N GLN A 363 -7.19 -8.78 -2.53
CA GLN A 363 -7.47 -8.35 -1.17
C GLN A 363 -6.28 -7.66 -0.52
N TYR A 364 -5.12 -7.68 -1.16
CA TYR A 364 -3.97 -6.95 -0.67
C TYR A 364 -3.46 -6.02 -1.76
#